data_6UOZ
#
_entry.id   6UOZ
#
_cell.length_a   46.711
_cell.length_b   56.948
_cell.length_c   64.924
_cell.angle_alpha   108.360
_cell.angle_beta   90.760
_cell.angle_gamma   114.170
#
_symmetry.space_group_name_H-M   'P 1'
#
loop_
_entity.id
_entity.type
_entity.pdbx_description
1 polymer 'WD repeat domain 5'
2 non-polymer 5-bromo-3-chloro-N-[1-cyclopentyl-2-(methylsulfonyl)-1H-imidazol-4-yl]-2-hydroxybenzene-1-sulfonamide
3 water water
#
_entity_poly.entity_id   1
_entity_poly.type   'polypeptide(L)'
_entity_poly.pdbx_seq_one_letter_code
;VKPNYALKFTLAGHTKAVSSVKFSPNGEWLASSSADKLIKIWGAYDGKFEKTISGHKLGISDVAWSSDSNLLVSASDDKT
LKIWDVSSGKCLKTLKGHSNYVFCCNFNPQSNLIVSGSFDESVRIWDVKTGKCLKTLPAHSDPVSAVHFNRDGSLIVSSS
YDGLCRIWDTASGQCLKTLIDDDNPPVSFVKFSPNGKYILAATLDNTLKLWDYSKGKCLKTYTGHKNEKYCIFANFSVTG
GKWIVSGSEDNLVYIWNLQTKEIVQKLQGHTDVVISTACHPTENIIASAALENDKTIKLWKSDC
;
_entity_poly.pdbx_strand_id   A,B
#
# COMPACT_ATOMS: atom_id res chain seq x y z
N VAL A 1 -15.71 8.96 25.79
CA VAL A 1 -15.17 9.74 24.67
C VAL A 1 -16.12 9.77 23.45
N LYS A 2 -16.42 10.98 23.00
CA LYS A 2 -17.29 11.20 21.85
C LYS A 2 -16.64 12.28 21.01
N PRO A 3 -16.83 12.26 19.70
CA PRO A 3 -16.29 13.35 18.87
C PRO A 3 -17.13 14.61 19.07
N ASN A 4 -16.62 15.72 18.56
CA ASN A 4 -17.32 17.00 18.66
C ASN A 4 -17.26 17.75 17.33
N TYR A 5 -17.61 17.02 16.28
CA TYR A 5 -17.67 17.59 14.94
C TYR A 5 -18.52 18.85 14.94
N ALA A 6 -17.98 19.91 14.37
CA ALA A 6 -18.66 21.19 14.28
C ALA A 6 -18.56 21.69 12.84
N LEU A 7 -19.59 22.37 12.37
CA LEU A 7 -19.62 22.82 10.99
C LEU A 7 -18.62 23.94 10.74
N LYS A 8 -17.78 23.77 9.70
CA LYS A 8 -16.78 24.77 9.33
C LYS A 8 -17.08 25.47 8.01
N PHE A 9 -17.57 24.76 6.99
CA PHE A 9 -17.84 25.36 5.68
C PHE A 9 -19.03 24.67 5.05
N THR A 10 -19.83 25.45 4.30
CA THR A 10 -20.86 24.92 3.40
C THR A 10 -20.49 25.30 1.96
N LEU A 11 -20.45 24.32 1.11
CA LEU A 11 -20.00 24.42 -0.28
C LEU A 11 -21.17 24.27 -1.23
N ALA A 12 -21.55 25.36 -1.89
CA ALA A 12 -22.63 25.35 -2.85
C ALA A 12 -22.07 25.47 -4.25
N GLY A 13 -22.82 24.96 -5.21
CA GLY A 13 -22.42 25.07 -6.59
C GLY A 13 -23.12 24.08 -7.49
N HIS A 14 -23.36 22.88 -6.96
CA HIS A 14 -24.11 21.91 -7.77
C HIS A 14 -25.55 22.37 -7.95
N THR A 15 -26.15 21.99 -9.09
CA THR A 15 -27.49 22.50 -9.43
C THR A 15 -28.56 21.43 -9.42
N LYS A 16 -28.18 20.19 -9.10
CA LYS A 16 -29.08 19.11 -8.78
C LYS A 16 -28.54 18.40 -7.55
N ALA A 17 -29.23 17.34 -7.10
CA ALA A 17 -28.73 16.54 -5.98
C ALA A 17 -27.24 16.20 -6.10
N VAL A 18 -26.52 16.25 -4.97
CA VAL A 18 -25.17 15.72 -4.95
C VAL A 18 -25.31 14.22 -4.80
N SER A 19 -24.37 13.44 -5.36
CA SER A 19 -24.43 11.99 -5.27
C SER A 19 -23.28 11.36 -4.50
N SER A 20 -22.11 12.01 -4.48
N SER A 20 -22.07 11.94 -4.53
CA SER A 20 -20.96 11.40 -3.84
CA SER A 20 -20.95 11.33 -3.82
C SER A 20 -19.99 12.49 -3.48
C SER A 20 -19.97 12.44 -3.50
N VAL A 21 -19.26 12.28 -2.38
CA VAL A 21 -18.11 13.11 -2.01
C VAL A 21 -16.98 12.16 -1.60
N LYS A 22 -15.76 12.49 -2.04
CA LYS A 22 -14.57 11.71 -1.70
C LYS A 22 -13.36 12.59 -1.47
N PHE A 23 -12.64 12.37 -0.38
CA PHE A 23 -11.35 13.08 -0.20
C PHE A 23 -10.25 12.41 -1.00
N SER A 24 -9.35 13.21 -1.56
CA SER A 24 -8.20 12.63 -2.24
C SER A 24 -7.28 11.94 -1.23
N PRO A 25 -6.56 10.92 -1.67
CA PRO A 25 -5.66 10.21 -0.74
C PRO A 25 -4.57 11.07 -0.15
N ASN A 26 -4.14 12.12 -0.83
CA ASN A 26 -3.13 13.01 -0.26
C ASN A 26 -3.75 14.05 0.66
N GLY A 27 -5.08 14.02 0.88
CA GLY A 27 -5.68 14.90 1.87
C GLY A 27 -5.98 16.28 1.36
N GLU A 28 -5.53 16.64 0.18
CA GLU A 28 -5.58 18.02 -0.26
C GLU A 28 -6.95 18.45 -0.79
N TRP A 29 -7.72 17.54 -1.37
CA TRP A 29 -8.89 17.87 -2.19
C TRP A 29 -10.09 17.05 -1.75
N LEU A 30 -11.27 17.61 -2.02
CA LEU A 30 -12.54 16.89 -2.00
C LEU A 30 -13.12 16.90 -3.40
N ALA A 31 -13.52 15.73 -3.91
CA ALA A 31 -14.25 15.70 -5.16
C ALA A 31 -15.72 15.41 -4.89
N SER A 32 -16.60 16.09 -5.60
CA SER A 32 -18.02 15.79 -5.53
C SER A 32 -18.59 15.49 -6.90
N SER A 33 -19.63 14.66 -6.93
CA SER A 33 -20.35 14.34 -8.16
C SER A 33 -21.81 14.65 -7.95
N SER A 34 -22.53 14.86 -9.07
CA SER A 34 -23.94 15.22 -8.93
C SER A 34 -24.78 14.72 -10.10
N ALA A 35 -26.09 14.68 -9.87
CA ALA A 35 -27.06 14.48 -10.95
C ALA A 35 -27.00 15.60 -11.99
N ASP A 36 -26.32 16.73 -11.71
CA ASP A 36 -26.15 17.80 -12.70
C ASP A 36 -25.06 17.52 -13.72
N LYS A 37 -24.51 16.29 -13.76
CA LYS A 37 -23.55 15.80 -14.77
C LYS A 37 -22.13 16.30 -14.48
N LEU A 38 -21.92 16.99 -13.37
CA LEU A 38 -20.62 17.61 -13.11
C LEU A 38 -19.89 16.95 -11.96
N ILE A 39 -18.56 17.07 -12.02
CA ILE A 39 -17.67 16.81 -10.90
C ILE A 39 -17.11 18.15 -10.47
N LYS A 40 -17.04 18.38 -9.18
CA LYS A 40 -16.37 19.59 -8.67
C LYS A 40 -15.27 19.21 -7.70
N ILE A 41 -14.17 19.96 -7.75
CA ILE A 41 -13.02 19.81 -6.88
C ILE A 41 -12.98 21.01 -5.97
N TRP A 42 -12.74 20.75 -4.67
CA TRP A 42 -12.73 21.75 -3.59
C TRP A 42 -11.52 21.51 -2.71
N GLY A 43 -10.97 22.58 -2.14
CA GLY A 43 -9.92 22.39 -1.14
C GLY A 43 -10.48 21.69 0.09
N ALA A 44 -9.76 20.67 0.56
CA ALA A 44 -10.23 19.88 1.70
C ALA A 44 -10.25 20.64 3.01
N TYR A 45 -9.36 21.62 3.19
CA TYR A 45 -9.17 22.25 4.47
C TYR A 45 -9.95 23.54 4.59
N ASP A 46 -10.10 24.28 3.50
CA ASP A 46 -10.84 25.54 3.54
C ASP A 46 -12.08 25.58 2.65
N GLY A 47 -12.42 24.49 1.98
CA GLY A 47 -13.62 24.44 1.16
C GLY A 47 -13.57 25.23 -0.13
N LYS A 48 -12.40 25.79 -0.46
CA LYS A 48 -12.26 26.67 -1.60
C LYS A 48 -12.56 25.92 -2.88
N PHE A 49 -13.45 26.46 -3.70
CA PHE A 49 -13.70 25.87 -5.01
C PHE A 49 -12.46 25.92 -5.90
N GLU A 50 -12.16 24.78 -6.53
CA GLU A 50 -10.99 24.65 -7.37
C GLU A 50 -11.33 24.52 -8.84
N LYS A 51 -12.22 23.60 -9.21
CA LYS A 51 -12.57 23.49 -10.64
C LYS A 51 -13.80 22.62 -10.81
N THR A 52 -14.46 22.80 -11.95
CA THR A 52 -15.52 21.93 -12.45
C THR A 52 -15.00 21.08 -13.59
N ILE A 53 -15.34 19.80 -13.56
CA ILE A 53 -14.94 18.82 -14.56
C ILE A 53 -16.22 18.33 -15.23
N SER A 54 -16.28 18.46 -16.56
CA SER A 54 -17.50 18.21 -17.29
C SER A 54 -17.22 17.32 -18.50
N GLY A 55 -18.27 16.62 -18.94
CA GLY A 55 -18.21 15.81 -20.14
C GLY A 55 -19.18 14.63 -20.17
N HIS A 56 -19.59 14.13 -18.99
CA HIS A 56 -20.65 13.14 -18.99
C HIS A 56 -21.94 13.73 -19.56
N LYS A 57 -22.72 12.88 -20.23
CA LYS A 57 -23.96 13.34 -20.88
C LYS A 57 -25.19 13.18 -20.00
N LEU A 58 -25.07 12.47 -18.88
CA LEU A 58 -26.14 12.32 -17.89
C LEU A 58 -25.51 12.39 -16.51
N GLY A 59 -26.36 12.30 -15.48
CA GLY A 59 -25.89 12.45 -14.11
C GLY A 59 -24.85 11.42 -13.72
N ILE A 60 -24.14 11.76 -12.65
CA ILE A 60 -23.02 10.97 -12.14
C ILE A 60 -23.43 10.46 -10.78
N SER A 61 -23.25 9.17 -10.53
CA SER A 61 -23.58 8.59 -9.23
C SER A 61 -22.40 8.41 -8.28
N ASP A 62 -21.18 8.31 -8.82
CA ASP A 62 -20.01 8.07 -7.99
C ASP A 62 -18.74 8.58 -8.63
N VAL A 63 -17.73 8.84 -7.80
CA VAL A 63 -16.41 9.26 -8.23
C VAL A 63 -15.41 8.60 -7.30
N ALA A 64 -14.22 8.32 -7.80
CA ALA A 64 -13.16 7.71 -7.01
C ALA A 64 -11.80 8.24 -7.45
N TRP A 65 -10.87 8.31 -6.51
CA TRP A 65 -9.53 8.81 -6.76
C TRP A 65 -8.47 7.75 -6.87
N SER A 66 -7.51 7.97 -7.76
CA SER A 66 -6.36 7.07 -7.77
C SER A 66 -5.51 7.30 -6.52
N SER A 67 -4.64 6.31 -6.21
CA SER A 67 -3.86 6.42 -4.98
C SER A 67 -2.90 7.61 -4.99
N ASP A 68 -2.41 8.01 -6.16
CA ASP A 68 -1.51 9.16 -6.22
C ASP A 68 -2.26 10.50 -6.31
N SER A 69 -3.59 10.49 -6.18
CA SER A 69 -4.46 11.66 -6.23
C SER A 69 -4.43 12.38 -7.56
N ASN A 70 -3.86 11.79 -8.63
CA ASN A 70 -3.77 12.49 -9.91
C ASN A 70 -4.94 12.20 -10.85
N LEU A 71 -5.64 11.09 -10.65
CA LEU A 71 -6.74 10.68 -11.53
C LEU A 71 -8.02 10.62 -10.74
N LEU A 72 -9.13 10.83 -11.43
CA LEU A 72 -10.44 10.51 -10.89
C LEU A 72 -11.14 9.59 -11.87
N VAL A 73 -11.97 8.67 -11.38
CA VAL A 73 -12.88 7.97 -12.26
C VAL A 73 -14.30 8.29 -11.80
N SER A 74 -15.22 8.43 -12.76
CA SER A 74 -16.63 8.74 -12.46
C SER A 74 -17.51 7.69 -13.12
N ALA A 75 -18.68 7.40 -12.49
CA ALA A 75 -19.66 6.45 -12.98
C ALA A 75 -20.95 7.18 -13.30
N SER A 76 -21.44 7.06 -14.53
CA SER A 76 -22.56 7.87 -14.97
C SER A 76 -23.76 7.09 -15.47
N ASP A 77 -24.92 7.73 -15.40
CA ASP A 77 -26.13 7.20 -16.05
C ASP A 77 -25.99 7.13 -17.57
N ASP A 78 -24.97 7.79 -18.17
CA ASP A 78 -24.79 7.66 -19.61
C ASP A 78 -24.11 6.36 -20.00
N LYS A 79 -23.99 5.43 -19.03
CA LYS A 79 -23.58 4.02 -19.20
C LYS A 79 -22.07 3.94 -19.36
N THR A 80 -21.36 5.05 -19.14
CA THR A 80 -19.89 5.04 -19.20
C THR A 80 -19.28 5.37 -17.85
N LEU A 81 -18.01 5.03 -17.75
CA LEU A 81 -17.15 5.67 -16.77
C LEU A 81 -16.18 6.55 -17.52
N LYS A 82 -15.70 7.57 -16.83
CA LYS A 82 -14.65 8.42 -17.43
C LYS A 82 -13.49 8.52 -16.47
N ILE A 83 -12.25 8.43 -17.02
CA ILE A 83 -11.04 8.67 -16.26
C ILE A 83 -10.58 10.06 -16.59
N TRP A 84 -10.32 10.86 -15.56
CA TRP A 84 -9.99 12.29 -15.66
C TRP A 84 -8.60 12.57 -15.09
N ASP A 85 -7.88 13.44 -15.80
CA ASP A 85 -6.69 14.04 -15.23
C ASP A 85 -7.14 15.20 -14.37
N VAL A 86 -6.96 15.08 -13.06
CA VAL A 86 -7.48 16.10 -12.15
C VAL A 86 -6.85 17.47 -12.44
N SER A 87 -5.54 17.51 -12.71
CA SER A 87 -4.84 18.78 -12.89
C SER A 87 -5.38 19.54 -14.08
N SER A 88 -5.60 18.85 -15.20
CA SER A 88 -6.07 19.57 -16.38
C SER A 88 -7.59 19.57 -16.51
N GLY A 89 -8.28 18.68 -15.83
CA GLY A 89 -9.70 18.48 -16.04
C GLY A 89 -10.04 17.69 -17.30
N LYS A 90 -9.07 17.19 -18.04
CA LYS A 90 -9.33 16.51 -19.30
C LYS A 90 -9.80 15.08 -19.08
N CYS A 91 -10.74 14.62 -19.92
CA CYS A 91 -11.07 13.21 -19.94
C CYS A 91 -10.00 12.45 -20.71
N LEU A 92 -9.34 11.54 -20.02
CA LEU A 92 -8.29 10.73 -20.63
C LEU A 92 -8.88 9.52 -21.34
N LYS A 93 -9.90 8.89 -20.73
CA LYS A 93 -10.50 7.68 -21.30
C LYS A 93 -11.98 7.69 -20.99
N THR A 94 -12.75 7.13 -21.90
CA THR A 94 -14.16 6.78 -21.66
C THR A 94 -14.26 5.25 -21.71
N LEU A 95 -14.75 4.66 -20.61
CA LEU A 95 -14.87 3.22 -20.43
C LEU A 95 -16.29 2.80 -20.82
N LYS A 96 -16.38 2.12 -21.96
CA LYS A 96 -17.65 1.72 -22.55
C LYS A 96 -17.79 0.22 -22.47
N GLY A 97 -19.00 -0.23 -22.14
CA GLY A 97 -19.28 -1.66 -22.06
C GLY A 97 -20.51 -1.95 -21.25
N HIS A 98 -20.75 -1.18 -20.18
CA HIS A 98 -22.01 -1.42 -19.45
C HIS A 98 -23.21 -1.10 -20.34
N SER A 99 -24.30 -1.80 -20.11
CA SER A 99 -25.50 -1.61 -20.93
C SER A 99 -26.57 -0.83 -20.20
N ASN A 100 -26.28 -0.29 -19.02
CA ASN A 100 -27.23 0.57 -18.33
C ASN A 100 -26.42 1.43 -17.36
N TYR A 101 -27.12 2.18 -16.50
CA TYR A 101 -26.45 3.16 -15.64
C TYR A 101 -25.29 2.54 -14.89
N VAL A 102 -24.18 3.27 -14.82
CA VAL A 102 -23.06 2.86 -13.97
C VAL A 102 -23.24 3.56 -12.63
N PHE A 103 -23.37 2.77 -11.57
CA PHE A 103 -23.68 3.30 -10.25
C PHE A 103 -22.54 3.48 -9.26
N CYS A 104 -21.51 2.67 -9.38
CA CYS A 104 -20.42 2.72 -8.43
C CYS A 104 -19.07 2.43 -9.08
N CYS A 105 -18.01 2.93 -8.47
CA CYS A 105 -16.68 2.71 -9.02
C CYS A 105 -15.60 2.90 -7.99
N ASN A 106 -14.45 2.29 -8.26
CA ASN A 106 -13.28 2.43 -7.40
C ASN A 106 -12.03 2.02 -8.17
N PHE A 107 -10.91 2.66 -7.84
CA PHE A 107 -9.61 2.14 -8.27
C PHE A 107 -9.13 1.09 -7.28
N ASN A 108 -8.28 0.15 -7.77
CA ASN A 108 -7.56 -0.65 -6.79
C ASN A 108 -6.45 0.19 -6.14
N PRO A 109 -5.86 -0.26 -5.02
CA PRO A 109 -4.77 0.53 -4.41
C PRO A 109 -3.62 0.81 -5.41
N GLN A 110 -3.24 -0.21 -6.18
CA GLN A 110 -2.22 -0.05 -7.22
C GLN A 110 -2.61 0.98 -8.27
N SER A 111 -3.91 1.21 -8.44
CA SER A 111 -4.51 2.16 -9.37
C SER A 111 -4.21 1.84 -10.83
N ASN A 112 -3.88 0.56 -11.10
CA ASN A 112 -3.87 0.11 -12.48
C ASN A 112 -5.19 -0.50 -12.95
N LEU A 113 -6.14 -0.73 -12.05
CA LEU A 113 -7.46 -1.24 -12.39
C LEU A 113 -8.54 -0.34 -11.82
N ILE A 114 -9.68 -0.34 -12.52
CA ILE A 114 -10.94 0.23 -11.99
C ILE A 114 -11.97 -0.87 -11.94
N VAL A 115 -12.76 -0.90 -10.86
CA VAL A 115 -13.93 -1.78 -10.76
C VAL A 115 -15.17 -0.91 -10.80
N SER A 116 -16.20 -1.44 -11.49
CA SER A 116 -17.45 -0.70 -11.63
C SER A 116 -18.63 -1.65 -11.39
N GLY A 117 -19.74 -1.09 -10.93
CA GLY A 117 -20.97 -1.85 -10.87
C GLY A 117 -22.09 -1.07 -11.51
N SER A 118 -23.01 -1.82 -12.12
CA SER A 118 -24.07 -1.23 -12.89
C SER A 118 -25.48 -1.76 -12.65
N PHE A 119 -26.42 -0.98 -13.13
CA PHE A 119 -27.83 -1.32 -13.08
C PHE A 119 -27.97 -2.58 -13.95
N ASP A 120 -27.04 -2.77 -14.88
CA ASP A 120 -27.11 -3.94 -15.76
C ASP A 120 -26.76 -5.24 -15.03
N GLU A 121 -26.48 -5.18 -13.73
CA GLU A 121 -26.31 -6.31 -12.81
C GLU A 121 -24.91 -6.87 -12.86
N SER A 122 -24.03 -6.26 -13.64
CA SER A 122 -22.68 -6.75 -13.76
C SER A 122 -21.66 -5.92 -13.03
N VAL A 123 -20.50 -6.52 -12.81
CA VAL A 123 -19.36 -5.85 -12.22
C VAL A 123 -18.31 -5.95 -13.30
N ARG A 124 -17.67 -4.84 -13.65
CA ARG A 124 -16.64 -4.88 -14.68
C ARG A 124 -15.30 -4.43 -14.11
N ILE A 125 -14.22 -5.03 -14.61
CA ILE A 125 -12.88 -4.68 -14.19
C ILE A 125 -12.19 -4.10 -15.42
N TRP A 126 -11.63 -2.91 -15.29
CA TRP A 126 -11.02 -2.22 -16.41
C TRP A 126 -9.55 -1.89 -16.27
N ASP A 127 -8.84 -1.90 -17.39
CA ASP A 127 -7.43 -1.50 -17.40
C ASP A 127 -7.36 0.02 -17.46
N VAL A 128 -6.73 0.64 -16.45
CA VAL A 128 -6.62 2.10 -16.40
C VAL A 128 -5.82 2.66 -17.58
N LYS A 129 -4.72 1.99 -17.96
CA LYS A 129 -3.77 2.51 -18.95
C LYS A 129 -4.42 2.56 -20.33
N THR A 130 -5.16 1.52 -20.68
CA THR A 130 -5.75 1.41 -22.02
C THR A 130 -7.23 1.76 -22.06
N GLY A 131 -7.91 1.70 -20.91
CA GLY A 131 -9.34 1.89 -20.92
C GLY A 131 -10.14 0.65 -21.30
N LYS A 132 -9.50 -0.48 -21.60
CA LYS A 132 -10.21 -1.65 -22.07
C LYS A 132 -10.84 -2.39 -20.90
N CYS A 133 -12.00 -3.00 -21.15
CA CYS A 133 -12.60 -3.87 -20.15
C CYS A 133 -11.87 -5.20 -20.15
N LEU A 134 -11.35 -5.59 -18.99
CA LEU A 134 -10.60 -6.85 -18.84
C LEU A 134 -11.50 -8.00 -18.46
N LYS A 135 -12.53 -7.75 -17.66
CA LYS A 135 -13.43 -8.82 -17.23
C LYS A 135 -14.81 -8.25 -17.01
N THR A 136 -15.83 -9.05 -17.35
CA THR A 136 -17.21 -8.76 -16.98
C THR A 136 -17.69 -9.90 -16.09
N LEU A 137 -18.06 -9.59 -14.86
CA LEU A 137 -18.51 -10.59 -13.93
C LEU A 137 -20.02 -10.57 -13.90
N PRO A 138 -20.67 -11.72 -14.06
CA PRO A 138 -22.15 -11.80 -13.93
C PRO A 138 -22.50 -11.85 -12.45
N ALA A 139 -22.35 -10.69 -11.82
CA ALA A 139 -22.12 -10.67 -10.39
C ALA A 139 -23.40 -10.81 -9.58
N HIS A 140 -24.53 -10.25 -10.06
CA HIS A 140 -25.75 -10.11 -9.26
C HIS A 140 -26.96 -10.27 -10.18
N SER A 141 -28.13 -10.37 -9.56
CA SER A 141 -29.37 -10.48 -10.32
C SER A 141 -30.26 -9.28 -10.13
N ASP A 142 -29.66 -8.16 -9.79
CA ASP A 142 -30.33 -6.87 -9.65
C ASP A 142 -29.25 -5.82 -9.63
N PRO A 143 -29.61 -4.54 -9.66
CA PRO A 143 -28.56 -3.54 -9.75
C PRO A 143 -27.48 -3.67 -8.69
N VAL A 144 -26.25 -3.35 -9.12
CA VAL A 144 -25.07 -3.40 -8.23
C VAL A 144 -24.87 -2.04 -7.58
N SER A 145 -24.94 -2.03 -6.24
CA SER A 145 -24.94 -0.76 -5.48
C SER A 145 -23.57 -0.29 -5.02
N ALA A 146 -22.61 -1.20 -4.86
CA ALA A 146 -21.29 -0.78 -4.45
C ALA A 146 -20.28 -1.81 -4.89
N VAL A 147 -19.04 -1.33 -5.09
CA VAL A 147 -17.88 -2.17 -5.39
C VAL A 147 -16.65 -1.57 -4.73
N HIS A 148 -15.78 -2.42 -4.18
CA HIS A 148 -14.63 -1.90 -3.43
C HIS A 148 -13.53 -2.94 -3.44
N PHE A 149 -12.26 -2.50 -3.61
CA PHE A 149 -11.12 -3.42 -3.49
C PHE A 149 -10.62 -3.45 -2.05
N ASN A 150 -10.05 -4.59 -1.66
CA ASN A 150 -9.37 -4.64 -0.37
C ASN A 150 -7.99 -4.00 -0.47
N ARG A 151 -7.26 -4.08 0.64
CA ARG A 151 -6.09 -3.23 0.80
C ARG A 151 -4.93 -3.68 -0.08
N ASP A 152 -4.84 -4.96 -0.47
CA ASP A 152 -3.82 -5.32 -1.45
C ASP A 152 -4.34 -5.49 -2.87
N GLY A 153 -5.62 -5.16 -3.13
CA GLY A 153 -6.17 -5.27 -4.45
C GLY A 153 -6.55 -6.67 -4.88
N SER A 154 -6.30 -7.68 -4.03
CA SER A 154 -6.51 -9.04 -4.50
C SER A 154 -7.96 -9.49 -4.42
N LEU A 155 -8.83 -8.71 -3.72
CA LEU A 155 -10.24 -9.02 -3.61
C LEU A 155 -11.08 -7.82 -3.97
N ILE A 156 -12.27 -8.10 -4.44
CA ILE A 156 -13.33 -7.12 -4.64
C ILE A 156 -14.53 -7.56 -3.83
N VAL A 157 -15.20 -6.60 -3.20
CA VAL A 157 -16.51 -6.90 -2.61
C VAL A 157 -17.55 -6.10 -3.41
N SER A 158 -18.69 -6.76 -3.72
CA SER A 158 -19.81 -6.13 -4.39
C SER A 158 -21.07 -6.35 -3.58
N SER A 159 -22.00 -5.41 -3.73
CA SER A 159 -23.31 -5.51 -3.07
C SER A 159 -24.39 -5.20 -4.10
N SER A 160 -25.60 -5.70 -3.83
CA SER A 160 -26.66 -5.47 -4.78
C SER A 160 -28.03 -5.44 -4.13
N TYR A 161 -28.98 -4.84 -4.87
CA TYR A 161 -30.38 -4.91 -4.46
C TYR A 161 -30.94 -6.34 -4.44
N ASP A 162 -30.21 -7.31 -5.00
CA ASP A 162 -30.65 -8.72 -4.92
C ASP A 162 -30.48 -9.28 -3.52
N GLY A 163 -29.91 -8.50 -2.60
CA GLY A 163 -29.79 -8.93 -1.20
C GLY A 163 -28.44 -9.52 -0.84
N LEU A 164 -27.53 -9.64 -1.81
CA LEU A 164 -26.28 -10.35 -1.58
C LEU A 164 -25.12 -9.38 -1.45
N CYS A 165 -24.10 -9.81 -0.71
CA CYS A 165 -22.74 -9.29 -0.85
C CYS A 165 -21.89 -10.45 -1.36
N ARG A 166 -21.01 -10.16 -2.31
CA ARG A 166 -20.10 -11.19 -2.84
C ARG A 166 -18.65 -10.71 -2.77
N ILE A 167 -17.77 -11.65 -2.49
CA ILE A 167 -16.32 -11.45 -2.48
C ILE A 167 -15.78 -12.14 -3.72
N TRP A 168 -14.95 -11.41 -4.50
CA TRP A 168 -14.40 -11.87 -5.76
C TRP A 168 -12.88 -11.86 -5.71
N ASP A 169 -12.25 -12.90 -6.30
CA ASP A 169 -10.83 -12.82 -6.60
C ASP A 169 -10.57 -11.95 -7.82
N THR A 170 -9.81 -10.86 -7.62
CA THR A 170 -9.59 -9.90 -8.70
C THR A 170 -9.00 -10.56 -9.94
N ALA A 171 -7.98 -11.39 -9.74
CA ALA A 171 -7.17 -11.83 -10.88
C ALA A 171 -7.93 -12.85 -11.73
N SER A 172 -8.69 -13.73 -11.09
CA SER A 172 -9.45 -14.76 -11.79
C SER A 172 -10.91 -14.41 -12.05
N GLY A 173 -11.46 -13.40 -11.40
CA GLY A 173 -12.87 -13.15 -11.58
C GLY A 173 -13.81 -14.08 -10.82
N GLN A 174 -13.29 -15.06 -10.07
CA GLN A 174 -14.16 -16.03 -9.43
C GLN A 174 -14.79 -15.50 -8.14
N CYS A 175 -16.02 -15.94 -7.85
CA CYS A 175 -16.64 -15.60 -6.58
C CYS A 175 -16.16 -16.55 -5.50
N LEU A 176 -15.48 -15.99 -4.49
CA LEU A 176 -14.99 -16.78 -3.38
C LEU A 176 -16.00 -16.89 -2.27
N LYS A 177 -16.92 -15.93 -2.14
CA LYS A 177 -17.88 -16.02 -1.04
C LYS A 177 -19.15 -15.25 -1.38
N THR A 178 -20.30 -15.84 -1.06
CA THR A 178 -21.57 -15.13 -1.06
C THR A 178 -22.09 -15.08 0.36
N LEU A 179 -22.45 -13.86 0.83
CA LEU A 179 -23.11 -13.70 2.13
C LEU A 179 -24.62 -13.56 1.90
N ILE A 180 -25.38 -14.47 2.51
CA ILE A 180 -26.83 -14.56 2.32
C ILE A 180 -27.47 -15.06 3.61
N ASP A 181 -28.67 -14.55 3.93
CA ASP A 181 -29.44 -14.92 5.14
C ASP A 181 -30.77 -15.57 4.75
N ASP A 182 -31.58 -15.84 5.78
CA ASP A 182 -32.95 -16.25 5.50
C ASP A 182 -33.77 -15.09 4.95
N ASP A 183 -33.49 -13.87 5.43
CA ASP A 183 -34.10 -12.65 4.91
C ASP A 183 -32.99 -11.81 4.28
N ASN A 184 -33.25 -11.25 3.11
CA ASN A 184 -32.21 -10.58 2.34
C ASN A 184 -32.72 -9.27 1.78
N PRO A 185 -32.84 -8.26 2.63
CA PRO A 185 -33.23 -6.97 2.14
C PRO A 185 -32.16 -6.43 1.20
N PRO A 186 -32.52 -5.51 0.30
CA PRO A 186 -31.53 -4.95 -0.63
C PRO A 186 -30.31 -4.45 0.12
N VAL A 187 -29.11 -4.74 -0.41
CA VAL A 187 -27.86 -4.21 0.11
C VAL A 187 -27.51 -2.98 -0.71
N SER A 188 -27.46 -1.85 -0.05
CA SER A 188 -27.31 -0.56 -0.69
C SER A 188 -25.90 -0.01 -0.66
N PHE A 189 -25.01 -0.64 0.11
CA PHE A 189 -23.63 -0.20 0.19
C PHE A 189 -22.80 -1.29 0.85
N VAL A 190 -21.52 -1.39 0.44
CA VAL A 190 -20.59 -2.26 1.16
C VAL A 190 -19.19 -1.73 0.93
N LYS A 191 -18.30 -2.01 1.90
CA LYS A 191 -16.87 -1.77 1.69
C LYS A 191 -16.09 -2.63 2.68
N PHE A 192 -14.84 -2.89 2.32
CA PHE A 192 -13.92 -3.54 3.26
C PHE A 192 -13.57 -2.62 4.43
N SER A 193 -13.31 -3.24 5.56
CA SER A 193 -12.82 -2.50 6.72
C SER A 193 -11.35 -2.12 6.57
N PRO A 194 -10.88 -1.21 7.41
CA PRO A 194 -9.46 -0.81 7.36
C PRO A 194 -8.46 -1.96 7.43
N ASN A 195 -8.70 -2.98 8.25
CA ASN A 195 -7.79 -4.11 8.36
C ASN A 195 -8.06 -5.23 7.36
N GLY A 196 -9.04 -5.05 6.47
CA GLY A 196 -9.34 -6.00 5.43
C GLY A 196 -10.08 -7.25 5.86
N LYS A 197 -10.31 -7.44 7.17
CA LYS A 197 -10.90 -8.68 7.69
C LYS A 197 -12.43 -8.64 7.67
N TYR A 198 -13.00 -7.45 7.63
CA TYR A 198 -14.45 -7.31 7.73
C TYR A 198 -14.98 -6.60 6.50
N ILE A 199 -16.29 -6.68 6.33
CA ILE A 199 -16.97 -5.75 5.43
C ILE A 199 -18.09 -5.06 6.19
N LEU A 200 -18.31 -3.80 5.86
CA LEU A 200 -19.42 -3.02 6.40
C LEU A 200 -20.48 -2.92 5.31
N ALA A 201 -21.69 -3.38 5.61
CA ALA A 201 -22.75 -3.43 4.61
C ALA A 201 -23.96 -2.66 5.14
N ALA A 202 -24.55 -1.84 4.28
CA ALA A 202 -25.82 -1.18 4.56
C ALA A 202 -26.93 -1.93 3.85
N THR A 203 -28.04 -2.16 4.55
CA THR A 203 -29.23 -2.71 3.95
C THR A 203 -30.37 -1.72 4.16
N LEU A 204 -31.36 -1.79 3.30
CA LEU A 204 -32.46 -0.83 3.37
C LEU A 204 -33.51 -1.20 4.44
N ASP A 205 -33.12 -2.02 5.42
CA ASP A 205 -33.80 -2.18 6.69
C ASP A 205 -33.18 -1.24 7.74
N ASN A 206 -32.75 -0.05 7.34
CA ASN A 206 -32.24 0.95 8.27
C ASN A 206 -31.10 0.43 9.13
N THR A 207 -30.23 -0.40 8.57
CA THR A 207 -29.22 -1.06 9.40
C THR A 207 -27.89 -1.15 8.69
N LEU A 208 -26.82 -0.87 9.44
CA LEU A 208 -25.44 -1.16 9.02
C LEU A 208 -24.95 -2.38 9.79
N LYS A 209 -24.23 -3.27 9.12
CA LYS A 209 -23.70 -4.47 9.76
C LYS A 209 -22.25 -4.67 9.42
N LEU A 210 -21.46 -5.04 10.43
CA LEU A 210 -20.05 -5.34 10.24
C LEU A 210 -19.90 -6.85 10.28
N TRP A 211 -19.44 -7.43 9.17
CA TRP A 211 -19.38 -8.88 8.99
C TRP A 211 -17.93 -9.34 8.92
N ASP A 212 -17.62 -10.41 9.63
CA ASP A 212 -16.45 -11.22 9.28
C ASP A 212 -16.87 -12.10 8.10
N TYR A 213 -16.44 -11.74 6.88
CA TYR A 213 -16.95 -12.45 5.71
C TYR A 213 -16.34 -13.84 5.55
N SER A 214 -15.12 -14.07 6.07
CA SER A 214 -14.58 -15.43 6.03
C SER A 214 -15.38 -16.38 6.90
N LYS A 215 -15.76 -15.94 8.11
CA LYS A 215 -16.52 -16.81 9.01
C LYS A 215 -18.02 -16.71 8.83
N GLY A 216 -18.51 -15.73 8.09
CA GLY A 216 -19.94 -15.59 7.92
C GLY A 216 -20.67 -15.13 9.16
N LYS A 217 -20.02 -14.34 10.02
CA LYS A 217 -20.56 -13.89 11.29
C LYS A 217 -20.74 -12.37 11.32
N CYS A 218 -21.91 -11.93 11.79
CA CYS A 218 -22.16 -10.50 12.00
C CYS A 218 -21.65 -10.09 13.38
N LEU A 219 -20.59 -9.29 13.41
CA LEU A 219 -19.94 -8.87 14.65
C LEU A 219 -20.62 -7.68 15.30
N LYS A 220 -21.11 -6.73 14.48
CA LYS A 220 -21.69 -5.50 15.03
C LYS A 220 -22.83 -5.02 14.15
N THR A 221 -23.81 -4.32 14.73
CA THR A 221 -24.83 -3.63 13.94
C THR A 221 -24.92 -2.21 14.45
N TYR A 222 -25.18 -1.29 13.53
CA TYR A 222 -25.30 0.13 13.81
C TYR A 222 -26.66 0.56 13.31
N THR A 223 -27.48 1.08 14.24
CA THR A 223 -28.85 1.43 13.91
C THR A 223 -29.23 2.76 14.55
N GLY A 224 -30.46 3.20 14.24
CA GLY A 224 -31.02 4.44 14.76
C GLY A 224 -31.10 5.56 13.76
N HIS A 225 -30.43 5.42 12.61
CA HIS A 225 -30.56 6.30 11.47
C HIS A 225 -31.69 5.79 10.57
N LYS A 226 -31.95 6.54 9.50
CA LYS A 226 -33.03 6.23 8.59
C LYS A 226 -32.42 5.88 7.24
N ASN A 227 -32.65 4.65 6.78
CA ASN A 227 -32.13 4.30 5.44
C ASN A 227 -32.97 3.14 4.91
N GLU A 228 -34.03 3.50 4.20
CA GLU A 228 -34.91 2.52 3.57
C GLU A 228 -35.02 2.69 2.06
N LYS A 229 -34.38 3.71 1.46
CA LYS A 229 -34.58 4.02 0.06
C LYS A 229 -33.30 4.26 -0.71
N TYR A 230 -32.38 5.07 -0.18
CA TYR A 230 -31.24 5.49 -0.98
C TYR A 230 -30.00 4.66 -0.70
N CYS A 231 -29.08 4.63 -1.69
CA CYS A 231 -27.77 4.02 -1.48
C CYS A 231 -26.90 5.09 -0.83
N ILE A 232 -26.74 4.97 0.50
CA ILE A 232 -26.03 5.94 1.33
C ILE A 232 -24.72 5.30 1.73
N PHE A 233 -23.62 6.01 1.43
CA PHE A 233 -22.28 5.56 1.77
C PHE A 233 -22.12 5.50 3.29
N ALA A 234 -21.34 4.55 3.77
CA ALA A 234 -20.87 4.61 5.15
C ALA A 234 -19.34 4.54 5.15
N ASN A 235 -18.80 5.01 6.26
CA ASN A 235 -17.36 5.13 6.39
C ASN A 235 -16.85 4.62 7.72
N PHE A 236 -15.58 4.21 7.74
CA PHE A 236 -14.79 4.01 8.96
C PHE A 236 -13.95 5.27 9.18
N SER A 237 -14.03 5.83 10.37
CA SER A 237 -13.23 7.02 10.68
C SER A 237 -12.06 6.58 11.54
N VAL A 238 -10.86 6.75 10.99
CA VAL A 238 -9.63 6.16 11.55
C VAL A 238 -8.65 7.19 12.11
N THR A 239 -8.93 8.47 12.02
CA THR A 239 -7.90 9.46 12.38
C THR A 239 -7.87 9.81 13.85
N GLY A 240 -9.01 9.66 14.55
CA GLY A 240 -9.09 9.91 15.97
C GLY A 240 -9.71 8.70 16.66
N GLY A 241 -10.84 8.86 17.33
CA GLY A 241 -11.54 7.69 17.82
C GLY A 241 -12.04 6.81 16.68
N LYS A 242 -12.27 5.53 17.00
CA LYS A 242 -12.74 4.57 15.98
C LYS A 242 -14.25 4.69 15.83
N TRP A 243 -14.68 5.37 14.77
CA TRP A 243 -16.11 5.58 14.55
C TRP A 243 -16.59 4.95 13.24
N ILE A 244 -17.92 4.73 13.19
CA ILE A 244 -18.64 4.50 11.94
C ILE A 244 -19.41 5.78 11.62
N VAL A 245 -19.38 6.20 10.36
CA VAL A 245 -20.05 7.44 9.95
C VAL A 245 -21.01 7.13 8.80
N SER A 246 -22.21 7.69 8.85
CA SER A 246 -23.11 7.49 7.73
C SER A 246 -24.04 8.70 7.58
N GLY A 247 -24.48 8.96 6.35
CA GLY A 247 -25.64 9.82 6.20
C GLY A 247 -26.94 9.11 6.54
N SER A 248 -28.05 9.82 6.34
CA SER A 248 -29.33 9.35 6.83
C SER A 248 -30.43 10.09 6.12
N GLU A 249 -31.58 9.43 6.00
CA GLU A 249 -32.74 10.00 5.32
C GLU A 249 -33.51 10.99 6.16
N ASP A 250 -33.13 11.18 7.44
CA ASP A 250 -33.67 12.25 8.25
C ASP A 250 -32.78 13.48 8.28
N ASN A 251 -31.89 13.61 7.27
CA ASN A 251 -31.08 14.82 7.02
C ASN A 251 -29.92 14.99 7.99
N LEU A 252 -29.60 13.98 8.79
CA LEU A 252 -28.50 14.05 9.74
C LEU A 252 -27.33 13.18 9.31
N VAL A 253 -26.12 13.52 9.77
CA VAL A 253 -24.98 12.59 9.75
C VAL A 253 -24.95 11.89 11.10
N TYR A 254 -24.88 10.55 11.08
CA TYR A 254 -24.81 9.72 12.28
C TYR A 254 -23.39 9.23 12.46
N ILE A 255 -22.95 9.22 13.73
CA ILE A 255 -21.62 8.74 14.08
C ILE A 255 -21.80 7.79 15.24
N TRP A 256 -21.23 6.58 15.12
CA TRP A 256 -21.32 5.53 16.12
C TRP A 256 -19.93 5.10 16.61
N ASN A 257 -19.89 4.69 17.88
CA ASN A 257 -18.75 3.97 18.43
C ASN A 257 -18.65 2.59 17.79
N LEU A 258 -17.48 2.32 17.17
CA LEU A 258 -17.23 1.03 16.51
C LEU A 258 -17.50 -0.16 17.41
N GLN A 259 -17.05 -0.10 18.67
CA GLN A 259 -17.15 -1.24 19.58
C GLN A 259 -18.51 -1.33 20.25
N THR A 260 -19.04 -0.22 20.76
CA THR A 260 -20.23 -0.29 21.62
C THR A 260 -21.52 -0.17 20.82
N LYS A 261 -21.42 0.30 19.58
CA LYS A 261 -22.52 0.57 18.67
C LYS A 261 -23.37 1.75 19.12
N GLU A 262 -22.96 2.51 20.14
CA GLU A 262 -23.84 3.60 20.56
C GLU A 262 -23.67 4.76 19.60
N ILE A 263 -24.77 5.45 19.30
CA ILE A 263 -24.67 6.71 18.59
C ILE A 263 -23.94 7.70 19.49
N VAL A 264 -22.89 8.31 18.96
CA VAL A 264 -22.05 9.24 19.71
C VAL A 264 -22.17 10.67 19.21
N GLN A 265 -22.66 10.86 17.98
CA GLN A 265 -22.99 12.22 17.55
C GLN A 265 -23.96 12.15 16.39
N LYS A 266 -24.82 13.16 16.27
CA LYS A 266 -25.66 13.40 15.09
C LYS A 266 -25.40 14.83 14.65
N LEU A 267 -25.03 15.02 13.38
CA LEU A 267 -24.65 16.34 12.83
C LEU A 267 -25.86 16.91 12.11
N GLN A 268 -26.35 18.04 12.62
CA GLN A 268 -27.54 18.68 12.08
C GLN A 268 -27.16 19.91 11.26
N GLY A 269 -27.88 20.10 10.15
CA GLY A 269 -27.61 21.24 9.27
C GLY A 269 -28.15 21.05 7.88
N HIS A 270 -28.04 19.85 7.33
CA HIS A 270 -28.57 19.67 5.99
C HIS A 270 -30.11 19.73 6.00
N THR A 271 -30.66 20.02 4.82
CA THR A 271 -32.10 20.16 4.67
C THR A 271 -32.67 19.12 3.70
N ASP A 272 -31.92 18.07 3.42
CA ASP A 272 -32.44 16.94 2.65
C ASP A 272 -31.60 15.72 3.04
N VAL A 273 -31.98 14.55 2.51
CA VAL A 273 -31.25 13.33 2.74
C VAL A 273 -29.75 13.54 2.58
N VAL A 274 -28.98 13.03 3.53
CA VAL A 274 -27.52 13.06 3.44
C VAL A 274 -27.09 11.77 2.75
N ILE A 275 -26.85 11.88 1.44
CA ILE A 275 -26.62 10.74 0.56
C ILE A 275 -25.21 10.23 0.68
N SER A 276 -24.27 11.10 1.07
CA SER A 276 -22.87 10.70 1.01
C SER A 276 -22.09 11.40 2.11
N THR A 277 -21.16 10.66 2.70
CA THR A 277 -20.21 11.19 3.67
C THR A 277 -18.85 10.64 3.28
N ALA A 278 -17.81 11.36 3.70
CA ALA A 278 -16.42 10.96 3.51
C ALA A 278 -15.62 11.40 4.73
N CYS A 279 -14.60 10.62 5.05
CA CYS A 279 -13.71 10.93 6.17
C CYS A 279 -12.30 11.24 5.67
N HIS A 280 -11.74 12.33 6.13
CA HIS A 280 -10.44 12.75 5.66
C HIS A 280 -9.33 11.76 6.06
N PRO A 281 -8.31 11.58 5.23
CA PRO A 281 -7.35 10.49 5.51
C PRO A 281 -6.43 10.76 6.68
N THR A 282 -6.20 12.01 7.09
CA THR A 282 -5.24 12.23 8.18
C THR A 282 -5.81 13.13 9.27
N GLU A 283 -6.81 13.94 8.97
CA GLU A 283 -7.40 14.84 9.95
C GLU A 283 -8.82 14.40 10.28
N ASN A 284 -9.32 14.85 11.45
CA ASN A 284 -10.69 14.50 11.90
C ASN A 284 -11.67 15.47 11.24
N ILE A 285 -11.84 15.27 9.93
CA ILE A 285 -12.70 16.08 9.09
C ILE A 285 -13.69 15.15 8.36
N ILE A 286 -14.97 15.53 8.35
CA ILE A 286 -16.00 14.82 7.59
C ILE A 286 -16.55 15.74 6.53
N ALA A 287 -16.78 15.21 5.32
CA ALA A 287 -17.55 15.91 4.32
C ALA A 287 -18.90 15.20 4.19
N SER A 288 -19.99 15.96 4.13
CA SER A 288 -21.32 15.40 3.94
C SER A 288 -22.00 16.07 2.75
N ALA A 289 -22.89 15.36 2.06
CA ALA A 289 -23.58 15.97 0.93
C ALA A 289 -25.02 15.49 0.87
N ALA A 290 -25.88 16.34 0.28
CA ALA A 290 -27.32 16.12 0.37
C ALA A 290 -28.02 16.20 -0.99
N LEU A 291 -29.29 15.74 -0.98
CA LEU A 291 -30.15 15.66 -2.17
C LEU A 291 -30.75 17.03 -2.52
N GLU A 292 -31.71 17.07 -3.44
CA GLU A 292 -31.97 18.30 -4.20
C GLU A 292 -32.67 19.42 -3.43
N ASN A 293 -33.30 19.16 -2.28
CA ASN A 293 -33.78 20.32 -1.51
C ASN A 293 -32.64 21.13 -0.91
N ASP A 294 -31.42 20.60 -0.92
CA ASP A 294 -30.25 21.14 -0.25
C ASP A 294 -29.15 21.44 -1.25
N LYS A 295 -28.59 20.41 -1.90
CA LYS A 295 -27.60 20.54 -2.98
C LYS A 295 -26.23 21.00 -2.49
N THR A 296 -25.99 21.00 -1.18
CA THR A 296 -24.71 21.49 -0.67
C THR A 296 -23.89 20.36 -0.06
N ILE A 297 -22.60 20.68 0.09
CA ILE A 297 -21.61 19.85 0.77
C ILE A 297 -21.21 20.61 2.04
N LYS A 298 -21.09 19.90 3.15
CA LYS A 298 -20.66 20.53 4.40
C LYS A 298 -19.37 19.89 4.89
N LEU A 299 -18.46 20.71 5.41
CA LEU A 299 -17.21 20.24 6.01
C LEU A 299 -17.28 20.46 7.51
N TRP A 300 -16.95 19.43 8.27
CA TRP A 300 -17.10 19.38 9.73
C TRP A 300 -15.77 18.96 10.34
N LYS A 301 -15.40 19.55 11.47
CA LYS A 301 -14.15 19.21 12.11
C LYS A 301 -14.35 18.85 13.58
N SER A 302 -13.56 17.89 14.07
CA SER A 302 -13.66 17.41 15.44
C SER A 302 -12.27 17.33 16.08
N ASP A 303 -12.26 17.35 17.43
CA ASP A 303 -11.01 17.17 18.16
C ASP A 303 -10.61 15.71 18.30
N CYS A 304 -11.51 14.77 18.05
CA CYS A 304 -11.18 13.36 18.19
C CYS A 304 -12.10 12.49 17.33
N VAL B 1 14.01 -1.18 -25.03
CA VAL B 1 13.09 -0.91 -23.94
C VAL B 1 13.85 -0.26 -22.76
N LYS B 2 13.39 0.89 -22.26
CA LYS B 2 14.00 1.54 -21.10
C LYS B 2 12.88 1.98 -20.19
N PRO B 3 13.05 1.89 -18.87
CA PRO B 3 12.01 2.34 -17.95
C PRO B 3 11.90 3.85 -17.96
N ASN B 4 10.85 4.35 -17.31
CA ASN B 4 10.60 5.79 -17.24
C ASN B 4 10.14 6.15 -15.83
N TYR B 5 10.88 5.66 -14.85
CA TYR B 5 10.57 5.95 -13.45
C TYR B 5 10.48 7.45 -13.21
N ALA B 6 9.38 7.87 -12.58
CA ALA B 6 9.12 9.26 -12.26
C ALA B 6 8.83 9.35 -10.77
N LEU B 7 9.25 10.45 -10.14
CA LEU B 7 9.07 10.63 -8.71
C LEU B 7 7.59 10.79 -8.38
N LYS B 8 7.10 10.01 -7.43
CA LYS B 8 5.72 10.15 -7.00
C LYS B 8 5.59 10.74 -5.60
N PHE B 9 6.42 10.31 -4.65
CA PHE B 9 6.29 10.76 -3.27
C PHE B 9 7.67 10.90 -2.65
N THR B 10 7.78 11.84 -1.72
CA THR B 10 8.93 11.94 -0.83
C THR B 10 8.39 11.77 0.59
N LEU B 11 8.94 10.79 1.31
CA LEU B 11 8.49 10.40 2.65
C LEU B 11 9.48 10.91 3.68
N ALA B 12 9.05 11.88 4.48
CA ALA B 12 9.88 12.46 5.52
C ALA B 12 9.43 12.03 6.90
N GLY B 13 10.39 11.90 7.81
CA GLY B 13 10.04 11.55 9.16
C GLY B 13 11.20 11.05 9.98
N HIS B 14 12.09 10.28 9.36
CA HIS B 14 13.26 9.87 10.13
C HIS B 14 14.13 11.10 10.47
N THR B 15 14.82 11.01 11.59
CA THR B 15 15.58 12.15 12.10
C THR B 15 17.08 11.94 12.01
N LYS B 16 17.51 10.79 11.49
CA LYS B 16 18.89 10.52 11.13
C LYS B 16 18.86 9.77 9.82
N ALA B 17 20.02 9.35 9.36
CA ALA B 17 20.12 8.61 8.11
C ALA B 17 19.16 7.42 8.06
N VAL B 18 18.57 7.22 6.90
CA VAL B 18 17.83 5.98 6.68
C VAL B 18 18.85 4.90 6.32
N SER B 19 18.57 3.66 6.73
CA SER B 19 19.51 2.58 6.48
C SER B 19 18.97 1.50 5.55
N SER B 20 17.67 1.26 5.55
N SER B 20 17.65 1.27 5.53
CA SER B 20 17.12 0.22 4.68
CA SER B 20 17.11 0.17 4.72
C SER B 20 15.65 0.54 4.42
C SER B 20 15.63 0.44 4.48
N VAL B 21 15.17 0.10 3.26
CA VAL B 21 13.76 0.15 2.91
C VAL B 21 13.42 -1.19 2.29
N LYS B 22 12.26 -1.73 2.69
CA LYS B 22 11.77 -3.02 2.15
C LYS B 22 10.26 -2.98 1.93
N PHE B 23 9.80 -3.43 0.77
CA PHE B 23 8.38 -3.57 0.55
C PHE B 23 7.90 -4.87 1.19
N SER B 24 6.67 -4.83 1.70
CA SER B 24 6.06 -6.06 2.22
C SER B 24 5.73 -6.99 1.06
N PRO B 25 5.74 -8.31 1.29
CA PRO B 25 5.47 -9.24 0.20
C PRO B 25 4.10 -9.07 -0.42
N ASN B 26 3.10 -8.60 0.36
CA ASN B 26 1.78 -8.36 -0.20
C ASN B 26 1.65 -7.02 -0.93
N GLY B 27 2.75 -6.26 -1.02
CA GLY B 27 2.78 -5.04 -1.79
C GLY B 27 2.16 -3.85 -1.11
N GLU B 28 1.55 -4.03 0.08
CA GLU B 28 0.75 -2.94 0.69
C GLU B 28 1.62 -1.89 1.38
N TRP B 29 2.79 -2.28 1.86
CA TRP B 29 3.55 -1.44 2.80
C TRP B 29 5.00 -1.34 2.40
N LEU B 30 5.61 -0.23 2.83
CA LEU B 30 7.06 -0.08 2.85
C LEU B 30 7.50 0.05 4.31
N ALA B 31 8.50 -0.71 4.73
CA ALA B 31 9.12 -0.52 6.03
C ALA B 31 10.48 0.13 5.83
N SER B 32 10.78 1.11 6.67
CA SER B 32 12.10 1.71 6.67
C SER B 32 12.74 1.59 8.05
N SER B 33 14.06 1.53 8.06
CA SER B 33 14.84 1.57 9.29
C SER B 33 15.81 2.73 9.25
N SER B 34 16.27 3.16 10.44
CA SER B 34 17.14 4.33 10.45
C SER B 34 18.11 4.27 11.63
N ALA B 35 19.19 5.06 11.49
CA ALA B 35 20.07 5.33 12.62
C ALA B 35 19.37 6.03 13.79
N ASP B 36 18.16 6.55 13.59
CA ASP B 36 17.37 7.15 14.66
C ASP B 36 16.67 6.13 15.56
N LYS B 37 16.97 4.83 15.39
CA LYS B 37 16.53 3.72 16.28
C LYS B 37 15.09 3.33 15.97
N LEU B 38 14.49 3.85 14.90
CA LEU B 38 13.08 3.62 14.63
C LEU B 38 12.89 2.85 13.34
N ILE B 39 11.79 2.08 13.31
CA ILE B 39 11.22 1.55 12.10
C ILE B 39 9.96 2.33 11.78
N LYS B 40 9.77 2.70 10.52
CA LYS B 40 8.54 3.36 10.11
C LYS B 40 7.87 2.54 9.02
N ILE B 41 6.54 2.50 9.03
CA ILE B 41 5.74 1.80 8.06
C ILE B 41 4.94 2.86 7.30
N TRP B 42 4.91 2.72 5.97
CA TRP B 42 4.33 3.66 5.04
C TRP B 42 3.48 2.91 4.04
N GLY B 43 2.42 3.55 3.56
CA GLY B 43 1.64 2.97 2.48
C GLY B 43 2.39 2.96 1.17
N ALA B 44 2.40 1.80 0.47
CA ALA B 44 3.25 1.69 -0.71
C ALA B 44 2.70 2.47 -1.92
N TYR B 45 1.40 2.76 -1.98
CA TYR B 45 0.80 3.38 -3.16
C TYR B 45 0.42 4.84 -2.98
N ASP B 46 0.18 5.27 -1.75
CA ASP B 46 -0.08 6.68 -1.45
C ASP B 46 1.01 7.31 -0.60
N GLY B 47 2.04 6.56 -0.21
CA GLY B 47 3.15 7.09 0.60
C GLY B 47 2.75 7.56 1.98
N LYS B 48 1.54 7.22 2.46
CA LYS B 48 1.04 7.82 3.70
C LYS B 48 1.73 7.14 4.89
N PHE B 49 2.24 7.92 5.83
CA PHE B 49 2.77 7.33 7.05
C PHE B 49 1.71 6.53 7.80
N GLU B 50 2.08 5.30 8.23
CA GLU B 50 1.22 4.41 8.98
C GLU B 50 1.57 4.33 10.45
N LYS B 51 2.83 4.03 10.79
CA LYS B 51 3.17 3.92 12.21
C LYS B 51 4.67 3.91 12.41
N THR B 52 5.09 4.28 13.63
CA THR B 52 6.47 4.12 14.09
C THR B 52 6.55 2.94 15.06
N ILE B 53 7.62 2.15 14.93
CA ILE B 53 7.87 0.98 15.75
C ILE B 53 9.19 1.22 16.47
N SER B 54 9.17 1.17 17.79
CA SER B 54 10.32 1.60 18.56
C SER B 54 10.66 0.57 19.63
N GLY B 55 11.90 0.59 20.08
CA GLY B 55 12.35 -0.27 21.16
C GLY B 55 13.84 -0.56 21.15
N HIS B 56 14.47 -0.56 19.98
CA HIS B 56 15.93 -0.70 19.95
C HIS B 56 16.59 0.46 20.68
N LYS B 57 17.75 0.18 21.24
CA LYS B 57 18.45 1.14 22.07
C LYS B 57 19.50 1.91 21.29
N LEU B 58 19.88 1.42 20.11
CA LEU B 58 20.78 2.12 19.18
C LEU B 58 20.22 1.97 17.78
N GLY B 59 20.92 2.58 16.82
CA GLY B 59 20.45 2.65 15.45
C GLY B 59 20.22 1.26 14.84
N ILE B 60 19.43 1.25 13.79
CA ILE B 60 19.04 0.02 13.08
C ILE B 60 19.65 0.07 11.70
N SER B 61 20.28 -1.02 11.29
CA SER B 61 20.87 -1.12 9.97
C SER B 61 20.01 -1.82 8.93
N ASP B 62 19.11 -2.69 9.34
CA ASP B 62 18.32 -3.44 8.38
C ASP B 62 16.99 -3.90 8.97
N VAL B 63 16.02 -4.15 8.10
CA VAL B 63 14.71 -4.64 8.49
C VAL B 63 14.27 -5.61 7.39
N ALA B 64 13.46 -6.61 7.71
CA ALA B 64 13.00 -7.56 6.69
C ALA B 64 11.63 -8.07 7.11
N TRP B 65 10.80 -8.43 6.12
CA TRP B 65 9.42 -8.89 6.31
C TRP B 65 9.32 -10.41 6.31
N SER B 66 8.36 -10.95 7.09
CA SER B 66 7.99 -12.35 6.90
C SER B 66 7.11 -12.52 5.65
N SER B 67 7.02 -13.76 5.17
CA SER B 67 6.37 -13.95 3.87
C SER B 67 4.87 -13.68 3.91
N ASP B 68 4.25 -13.68 5.08
CA ASP B 68 2.82 -13.32 5.18
C ASP B 68 2.62 -11.85 5.50
N SER B 69 3.70 -11.06 5.49
CA SER B 69 3.68 -9.61 5.72
C SER B 69 3.19 -9.23 7.11
N ASN B 70 3.20 -10.16 8.07
CA ASN B 70 2.68 -9.91 9.42
C ASN B 70 3.77 -9.60 10.43
N LEU B 71 5.02 -10.00 10.17
CA LEU B 71 6.13 -9.79 11.08
C LEU B 71 7.23 -9.02 10.39
N LEU B 72 8.00 -8.30 11.21
CA LEU B 72 9.26 -7.68 10.75
C LEU B 72 10.38 -8.18 11.66
N VAL B 73 11.59 -8.27 11.12
CA VAL B 73 12.78 -8.41 11.97
C VAL B 73 13.70 -7.25 11.70
N SER B 74 14.38 -6.75 12.75
CA SER B 74 15.31 -5.63 12.59
C SER B 74 16.65 -6.00 13.22
N ALA B 75 17.73 -5.43 12.66
CA ALA B 75 19.10 -5.69 13.13
C ALA B 75 19.68 -4.38 13.62
N SER B 76 20.15 -4.37 14.85
CA SER B 76 20.63 -3.14 15.45
C SER B 76 22.03 -3.11 16.03
N ASP B 77 22.52 -1.89 16.19
CA ASP B 77 23.83 -1.62 16.76
C ASP B 77 23.81 -2.01 18.25
N ASP B 78 22.63 -2.24 18.80
CA ASP B 78 22.50 -2.62 20.20
C ASP B 78 22.88 -4.10 20.41
N LYS B 79 23.26 -4.75 19.31
CA LYS B 79 23.71 -6.14 19.29
C LYS B 79 22.59 -7.16 19.26
N THR B 80 21.37 -6.70 19.07
CA THR B 80 20.25 -7.59 19.03
C THR B 80 19.44 -7.44 17.77
N LEU B 81 18.57 -8.40 17.56
CA LEU B 81 17.63 -8.33 16.49
C LEU B 81 16.32 -8.39 17.24
N LYS B 82 15.32 -7.74 16.69
CA LYS B 82 13.99 -7.82 17.30
C LYS B 82 12.98 -8.31 16.26
N ILE B 83 12.04 -9.17 16.70
CA ILE B 83 10.91 -9.62 15.90
C ILE B 83 9.71 -8.83 16.34
N TRP B 84 9.01 -8.22 15.39
CA TRP B 84 7.91 -7.30 15.66
C TRP B 84 6.61 -7.80 15.03
N ASP B 85 5.51 -7.67 15.77
CA ASP B 85 4.19 -7.81 15.17
C ASP B 85 3.86 -6.50 14.49
N VAL B 86 3.72 -6.50 13.16
CA VAL B 86 3.51 -5.20 12.50
C VAL B 86 2.17 -4.58 12.86
N SER B 87 1.12 -5.38 13.02
CA SER B 87 -0.19 -4.80 13.29
C SER B 87 -0.22 -4.08 14.62
N SER B 88 0.36 -4.67 15.67
CA SER B 88 0.34 -4.03 16.99
C SER B 88 1.55 -3.14 17.26
N GLY B 89 2.64 -3.30 16.51
CA GLY B 89 3.91 -2.62 16.79
C GLY B 89 4.71 -3.22 17.94
N LYS B 90 4.24 -4.30 18.53
CA LYS B 90 4.89 -4.86 19.72
C LYS B 90 6.08 -5.72 19.34
N CYS B 91 7.13 -5.65 20.17
CA CYS B 91 8.27 -6.56 20.09
C CYS B 91 7.92 -7.90 20.69
N LEU B 92 7.94 -8.93 19.84
CA LEU B 92 7.58 -10.29 20.24
C LEU B 92 8.78 -11.01 20.82
N LYS B 93 9.96 -10.77 20.22
CA LYS B 93 11.17 -11.47 20.68
C LYS B 93 12.36 -10.55 20.49
N THR B 94 13.35 -10.65 21.39
CA THR B 94 14.66 -10.01 21.23
C THR B 94 15.70 -11.12 21.12
N LEU B 95 16.42 -11.14 19.99
CA LEU B 95 17.38 -12.19 19.62
C LEU B 95 18.76 -11.74 20.05
N LYS B 96 19.28 -12.37 21.10
CA LYS B 96 20.54 -12.01 21.78
C LYS B 96 21.58 -13.10 21.54
N GLY B 97 22.80 -12.68 21.25
CA GLY B 97 23.91 -13.60 21.02
C GLY B 97 25.07 -12.98 20.28
N HIS B 98 24.82 -12.10 19.31
CA HIS B 98 25.94 -11.44 18.65
C HIS B 98 26.69 -10.62 19.69
N SER B 99 27.99 -10.47 19.46
CA SER B 99 28.85 -9.70 20.37
C SER B 99 29.18 -8.33 19.84
N ASN B 100 28.59 -7.93 18.70
CA ASN B 100 28.77 -6.57 18.18
C ASN B 100 27.58 -6.24 17.30
N TYR B 101 27.66 -5.08 16.63
CA TYR B 101 26.53 -4.55 15.85
C TYR B 101 25.95 -5.65 14.96
N VAL B 102 24.63 -5.71 14.83
CA VAL B 102 24.04 -6.65 13.89
C VAL B 102 23.76 -5.78 12.66
N PHE B 103 24.34 -6.14 11.51
CA PHE B 103 24.22 -5.34 10.30
C PHE B 103 23.18 -5.73 9.27
N CYS B 104 22.84 -7.01 9.18
CA CYS B 104 21.92 -7.48 8.16
C CYS B 104 21.03 -8.59 8.65
N CYS B 105 19.87 -8.77 8.03
CA CYS B 105 18.95 -9.82 8.48
C CYS B 105 17.95 -10.19 7.38
N ASN B 106 17.38 -11.37 7.49
CA ASN B 106 16.37 -11.80 6.52
C ASN B 106 15.61 -12.98 7.08
N PHE B 107 14.33 -13.10 6.72
CA PHE B 107 13.60 -14.33 6.99
C PHE B 107 13.84 -15.29 5.84
N ASN B 108 13.62 -16.60 6.08
CA ASN B 108 13.53 -17.54 4.98
C ASN B 108 12.10 -17.54 4.40
N PRO B 109 11.89 -18.14 3.21
CA PRO B 109 10.54 -18.08 2.62
C PRO B 109 9.47 -18.69 3.51
N GLN B 110 9.78 -19.78 4.21
CA GLN B 110 8.82 -20.35 5.14
C GLN B 110 8.55 -19.41 6.33
N SER B 111 9.56 -18.60 6.66
CA SER B 111 9.51 -17.59 7.70
C SER B 111 9.49 -18.22 9.09
N ASN B 112 10.04 -19.42 9.20
CA ASN B 112 10.31 -20.00 10.50
C ASN B 112 11.74 -19.75 10.98
N LEU B 113 12.62 -19.23 10.12
CA LEU B 113 14.00 -18.94 10.48
C LEU B 113 14.31 -17.50 10.14
N ILE B 114 15.24 -16.92 10.91
CA ILE B 114 15.88 -15.66 10.54
C ILE B 114 17.37 -15.88 10.46
N VAL B 115 18.00 -15.24 9.46
CA VAL B 115 19.46 -15.24 9.35
C VAL B 115 19.96 -13.82 9.61
N SER B 116 21.10 -13.72 10.31
CA SER B 116 21.65 -12.40 10.66
C SER B 116 23.16 -12.40 10.40
N GLY B 117 23.73 -11.23 10.12
CA GLY B 117 25.16 -11.08 10.04
C GLY B 117 25.60 -9.89 10.84
N SER B 118 26.78 -9.99 11.43
CA SER B 118 27.27 -8.99 12.34
C SER B 118 28.70 -8.55 12.15
N PHE B 119 29.01 -7.43 12.80
CA PHE B 119 30.33 -6.85 12.84
C PHE B 119 31.24 -7.86 13.55
N ASP B 120 30.64 -8.77 14.32
CA ASP B 120 31.37 -9.80 15.06
C ASP B 120 31.99 -10.88 14.15
N GLU B 121 31.66 -10.82 12.87
CA GLU B 121 32.23 -11.67 11.80
C GLU B 121 31.45 -12.98 11.69
N SER B 122 30.38 -13.16 12.44
CA SER B 122 29.57 -14.38 12.39
C SER B 122 28.24 -14.17 11.68
N VAL B 123 27.66 -15.27 11.26
CA VAL B 123 26.30 -15.35 10.75
C VAL B 123 25.54 -16.23 11.72
N ARG B 124 24.35 -15.81 12.12
CA ARG B 124 23.55 -16.62 13.06
C ARG B 124 22.23 -17.00 12.41
N ILE B 125 21.71 -18.17 12.78
CA ILE B 125 20.42 -18.65 12.30
C ILE B 125 19.55 -18.83 13.53
N TRP B 126 18.35 -18.23 13.50
CA TRP B 126 17.49 -18.11 14.66
C TRP B 126 16.13 -18.72 14.40
N ASP B 127 15.56 -19.30 15.46
CA ASP B 127 14.21 -19.85 15.42
C ASP B 127 13.20 -18.73 15.65
N VAL B 128 12.33 -18.47 14.68
CA VAL B 128 11.36 -17.39 14.82
C VAL B 128 10.41 -17.65 16.01
N LYS B 129 9.95 -18.91 16.19
CA LYS B 129 8.94 -19.21 17.21
C LYS B 129 9.47 -18.91 18.60
N THR B 130 10.69 -19.34 18.91
CA THR B 130 11.22 -19.24 20.26
C THR B 130 12.21 -18.11 20.44
N GLY B 131 12.76 -17.56 19.36
CA GLY B 131 13.82 -16.57 19.41
C GLY B 131 15.18 -17.11 19.75
N LYS B 132 15.32 -18.41 19.88
CA LYS B 132 16.58 -19.03 20.21
C LYS B 132 17.52 -19.08 19.00
N CYS B 133 18.82 -18.88 19.26
CA CYS B 133 19.82 -19.10 18.22
C CYS B 133 19.99 -20.60 17.96
N LEU B 134 19.84 -20.99 16.71
CA LEU B 134 20.01 -22.41 16.34
C LEU B 134 21.44 -22.73 15.92
N LYS B 135 22.08 -21.81 15.21
CA LYS B 135 23.43 -22.05 14.74
C LYS B 135 24.19 -20.73 14.73
N THR B 136 25.47 -20.77 15.08
CA THR B 136 26.41 -19.66 14.86
C THR B 136 27.47 -20.16 13.88
N LEU B 137 27.56 -19.52 12.76
CA LEU B 137 28.52 -19.89 11.74
C LEU B 137 29.70 -18.94 11.81
N PRO B 138 30.93 -19.46 11.90
CA PRO B 138 32.15 -18.63 11.90
C PRO B 138 32.45 -18.23 10.44
N ALA B 139 31.65 -17.31 9.94
CA ALA B 139 31.44 -17.18 8.50
C ALA B 139 32.55 -16.42 7.79
N HIS B 140 33.12 -15.39 8.44
CA HIS B 140 33.99 -14.42 7.79
C HIS B 140 35.06 -13.97 8.76
N SER B 141 36.02 -13.20 8.23
CA SER B 141 37.09 -12.67 9.07
C SER B 141 37.06 -11.15 9.11
N ASP B 142 35.90 -10.59 8.81
CA ASP B 142 35.63 -9.17 8.92
C ASP B 142 34.12 -9.00 8.99
N PRO B 143 33.62 -7.77 9.19
CA PRO B 143 32.17 -7.62 9.35
C PRO B 143 31.38 -8.19 8.19
N VAL B 144 30.24 -8.79 8.54
CA VAL B 144 29.34 -9.40 7.55
C VAL B 144 28.38 -8.32 7.04
N SER B 145 28.42 -8.08 5.73
CA SER B 145 27.68 -6.96 5.14
C SER B 145 26.30 -7.35 4.64
N ALA B 146 26.06 -8.63 4.32
CA ALA B 146 24.73 -9.02 3.85
C ALA B 146 24.53 -10.49 4.08
N VAL B 147 23.26 -10.87 4.26
CA VAL B 147 22.85 -12.28 4.34
C VAL B 147 21.52 -12.43 3.64
N HIS B 148 21.33 -13.56 2.95
CA HIS B 148 20.11 -13.74 2.17
C HIS B 148 19.85 -15.22 2.00
N PHE B 149 18.57 -15.62 2.11
CA PHE B 149 18.16 -16.99 1.71
C PHE B 149 17.83 -17.04 0.24
N ASN B 150 18.02 -18.21 -0.37
CA ASN B 150 17.56 -18.42 -1.76
C ASN B 150 16.03 -18.68 -1.78
N ARG B 151 15.51 -19.02 -2.97
CA ARG B 151 14.07 -19.01 -3.28
C ARG B 151 13.25 -19.93 -2.39
N ASP B 152 13.82 -21.03 -1.97
CA ASP B 152 13.10 -21.95 -1.10
C ASP B 152 13.71 -22.05 0.28
N GLY B 153 14.75 -21.27 0.59
CA GLY B 153 15.34 -21.27 1.92
C GLY B 153 16.40 -22.33 2.15
N SER B 154 16.75 -23.12 1.12
CA SER B 154 17.68 -24.20 1.38
C SER B 154 19.13 -23.73 1.49
N LEU B 155 19.43 -22.52 1.01
CA LEU B 155 20.79 -21.97 1.01
C LEU B 155 20.74 -20.58 1.61
N ILE B 156 21.86 -20.18 2.19
CA ILE B 156 22.16 -18.79 2.60
C ILE B 156 23.38 -18.33 1.82
N VAL B 157 23.36 -17.08 1.36
CA VAL B 157 24.60 -16.42 0.91
C VAL B 157 24.94 -15.32 1.89
N SER B 158 26.24 -15.21 2.18
CA SER B 158 26.78 -14.14 3.02
C SER B 158 27.90 -13.43 2.29
N SER B 159 28.10 -12.15 2.64
CA SER B 159 29.20 -11.36 2.07
C SER B 159 29.90 -10.64 3.21
N SER B 160 31.13 -10.21 2.94
CA SER B 160 31.88 -9.58 4.02
C SER B 160 32.91 -8.63 3.45
N TYR B 161 33.29 -7.67 4.32
CA TYR B 161 34.47 -6.84 4.05
C TYR B 161 35.75 -7.63 3.89
N ASP B 162 35.76 -8.92 4.27
CA ASP B 162 36.93 -9.74 4.03
C ASP B 162 37.12 -10.09 2.56
N GLY B 163 36.19 -9.69 1.68
CA GLY B 163 36.40 -9.92 0.27
C GLY B 163 35.68 -11.13 -0.25
N LEU B 164 35.02 -11.90 0.63
CA LEU B 164 34.44 -13.18 0.24
C LEU B 164 32.93 -13.10 0.14
N CYS B 165 32.37 -13.92 -0.75
CA CYS B 165 31.00 -14.37 -0.63
C CYS B 165 31.03 -15.86 -0.33
N ARG B 166 30.15 -16.30 0.56
CA ARG B 166 30.05 -17.74 0.87
C ARG B 166 28.61 -18.23 0.74
N ILE B 167 28.46 -19.45 0.26
CA ILE B 167 27.19 -20.17 0.16
C ILE B 167 27.18 -21.22 1.23
N TRP B 168 26.10 -21.23 2.05
CA TRP B 168 25.90 -22.12 3.18
C TRP B 168 24.66 -22.98 3.01
N ASP B 169 24.75 -24.26 3.38
CA ASP B 169 23.56 -25.09 3.52
C ASP B 169 22.80 -24.70 4.80
N THR B 170 21.54 -24.28 4.66
CA THR B 170 20.76 -23.85 5.82
C THR B 170 20.66 -24.95 6.85
N ALA B 171 20.35 -26.18 6.40
CA ALA B 171 19.97 -27.25 7.34
C ALA B 171 21.16 -27.64 8.20
N SER B 172 22.33 -27.72 7.61
CA SER B 172 23.51 -28.23 8.28
C SER B 172 24.48 -27.16 8.71
N GLY B 173 24.35 -25.94 8.16
CA GLY B 173 25.31 -24.90 8.46
C GLY B 173 26.63 -25.01 7.74
N GLN B 174 26.79 -26.00 6.85
CA GLN B 174 28.08 -26.17 6.21
C GLN B 174 28.30 -25.21 5.06
N CYS B 175 29.55 -24.79 4.87
CA CYS B 175 29.90 -23.90 3.76
C CYS B 175 30.07 -24.75 2.49
N LEU B 176 29.25 -24.48 1.49
CA LEU B 176 29.29 -25.23 0.24
C LEU B 176 30.23 -24.60 -0.76
N LYS B 177 30.40 -23.28 -0.70
CA LYS B 177 31.25 -22.63 -1.71
C LYS B 177 31.78 -21.32 -1.14
N THR B 178 33.03 -21.01 -1.45
CA THR B 178 33.62 -19.71 -1.21
C THR B 178 34.03 -19.11 -2.55
N LEU B 179 33.56 -17.90 -2.83
CA LEU B 179 34.03 -17.16 -4.00
C LEU B 179 35.15 -16.22 -3.58
N ILE B 180 36.34 -16.48 -4.12
CA ILE B 180 37.57 -15.72 -3.86
C ILE B 180 38.31 -15.43 -5.17
N ASP B 183 41.88 -10.40 -7.09
CA ASP B 183 41.81 -9.26 -6.18
C ASP B 183 40.64 -9.51 -5.26
N ASN B 184 40.63 -8.93 -4.06
CA ASN B 184 39.60 -9.22 -3.07
C ASN B 184 39.10 -7.94 -2.42
N PRO B 185 38.46 -7.05 -3.18
CA PRO B 185 37.92 -5.85 -2.57
C PRO B 185 36.80 -6.22 -1.60
N PRO B 186 36.53 -5.40 -0.59
CA PRO B 186 35.42 -5.68 0.34
C PRO B 186 34.11 -5.88 -0.42
N VAL B 187 33.34 -6.90 -0.01
CA VAL B 187 32.01 -7.15 -0.58
C VAL B 187 30.99 -6.51 0.36
N SER B 188 30.25 -5.53 -0.15
CA SER B 188 29.37 -4.70 0.66
C SER B 188 27.91 -5.12 0.59
N PHE B 189 27.56 -6.06 -0.29
CA PHE B 189 26.21 -6.54 -0.43
C PHE B 189 26.21 -7.80 -1.28
N VAL B 190 25.25 -8.68 -1.01
CA VAL B 190 25.02 -9.82 -1.90
C VAL B 190 23.57 -10.25 -1.74
N LYS B 191 23.03 -10.88 -2.78
CA LYS B 191 21.73 -11.56 -2.69
C LYS B 191 21.63 -12.55 -3.83
N PHE B 192 20.78 -13.55 -3.65
CA PHE B 192 20.49 -14.49 -4.72
C PHE B 192 19.58 -13.85 -5.76
N SER B 193 19.72 -14.33 -7.00
CA SER B 193 18.84 -13.95 -8.09
C SER B 193 17.45 -14.56 -7.90
N PRO B 194 16.44 -14.03 -8.61
CA PRO B 194 15.07 -14.56 -8.48
C PRO B 194 14.97 -16.05 -8.76
N ASN B 195 15.77 -16.56 -9.68
CA ASN B 195 15.69 -17.96 -10.01
C ASN B 195 16.64 -18.82 -9.15
N GLY B 196 17.37 -18.21 -8.22
CA GLY B 196 18.20 -18.94 -7.28
C GLY B 196 19.53 -19.44 -7.84
N LYS B 197 19.80 -19.23 -9.13
CA LYS B 197 21.00 -19.78 -9.77
C LYS B 197 22.21 -18.86 -9.70
N TYR B 198 22.00 -17.56 -9.48
CA TYR B 198 23.07 -16.58 -9.44
C TYR B 198 23.09 -15.84 -8.11
N ILE B 199 24.20 -15.18 -7.83
CA ILE B 199 24.23 -14.15 -6.79
C ILE B 199 24.67 -12.85 -7.41
N LEU B 200 24.12 -11.74 -6.92
CA LEU B 200 24.53 -10.42 -7.32
C LEU B 200 25.31 -9.83 -6.15
N ALA B 201 26.57 -9.48 -6.37
CA ALA B 201 27.44 -9.01 -5.30
C ALA B 201 27.94 -7.61 -5.61
N ALA B 202 27.89 -6.72 -4.63
CA ALA B 202 28.51 -5.41 -4.75
C ALA B 202 29.86 -5.42 -4.07
N THR B 203 30.87 -4.81 -4.72
CA THR B 203 32.16 -4.60 -4.09
C THR B 203 32.47 -3.11 -4.06
N LEU B 204 33.32 -2.72 -3.10
CA LEU B 204 33.67 -1.30 -2.92
C LEU B 204 34.69 -0.81 -3.97
N ASP B 205 34.76 -1.48 -5.12
CA ASP B 205 35.45 -1.01 -6.32
C ASP B 205 34.43 -0.51 -7.35
N ASN B 206 33.30 0.03 -6.87
CA ASN B 206 32.29 0.66 -7.74
C ASN B 206 31.72 -0.33 -8.75
N THR B 207 31.52 -1.58 -8.32
CA THR B 207 31.16 -2.64 -9.26
C THR B 207 30.15 -3.59 -8.66
N LEU B 208 29.11 -3.90 -9.44
CA LEU B 208 28.19 -5.01 -9.15
C LEU B 208 28.52 -6.16 -10.08
N LYS B 209 28.57 -7.39 -9.58
CA LYS B 209 28.86 -8.54 -10.42
C LYS B 209 27.80 -9.61 -10.25
N LEU B 210 27.39 -10.23 -11.35
CA LEU B 210 26.43 -11.33 -11.33
C LEU B 210 27.23 -12.62 -11.53
N TRP B 211 27.22 -13.50 -10.50
CA TRP B 211 27.99 -14.74 -10.50
C TRP B 211 27.10 -15.96 -10.62
N ASP B 212 27.49 -16.90 -11.48
CA ASP B 212 27.08 -18.28 -11.31
C ASP B 212 27.98 -18.88 -10.24
N TYR B 213 27.47 -18.99 -9.01
CA TYR B 213 28.33 -19.37 -7.87
C TYR B 213 28.71 -20.85 -7.93
N SER B 214 27.89 -21.68 -8.57
CA SER B 214 28.21 -23.10 -8.67
C SER B 214 29.37 -23.33 -9.64
N LYS B 215 29.42 -22.55 -10.72
CA LYS B 215 30.49 -22.65 -11.70
C LYS B 215 31.65 -21.71 -11.41
N GLY B 216 31.46 -20.78 -10.49
CA GLY B 216 32.49 -19.82 -10.17
C GLY B 216 32.76 -18.85 -11.29
N LYS B 217 31.75 -18.50 -12.08
CA LYS B 217 31.95 -17.67 -13.27
C LYS B 217 31.19 -16.38 -13.09
N CYS B 218 31.83 -15.28 -13.43
CA CYS B 218 31.16 -13.98 -13.42
C CYS B 218 30.55 -13.75 -14.79
N LEU B 219 29.24 -13.63 -14.83
CA LEU B 219 28.51 -13.56 -16.08
C LEU B 219 28.27 -12.14 -16.54
N LYS B 220 28.12 -11.21 -15.60
CA LYS B 220 27.79 -9.84 -15.99
C LYS B 220 28.39 -8.93 -14.93
N THR B 221 28.75 -7.71 -15.32
CA THR B 221 29.06 -6.67 -14.36
C THR B 221 28.22 -5.44 -14.68
N TYR B 222 27.93 -4.65 -13.64
CA TYR B 222 27.14 -3.43 -13.74
C TYR B 222 27.97 -2.34 -13.07
N THR B 223 28.32 -1.32 -13.84
CA THR B 223 29.23 -0.28 -13.38
C THR B 223 28.75 1.07 -13.87
N GLY B 224 29.45 2.12 -13.42
CA GLY B 224 29.09 3.50 -13.77
C GLY B 224 28.53 4.30 -12.63
N HIS B 225 28.12 3.63 -11.54
CA HIS B 225 27.69 4.25 -10.31
C HIS B 225 28.90 4.41 -9.40
N LYS B 226 28.66 5.00 -8.23
CA LYS B 226 29.72 5.28 -7.28
C LYS B 226 29.46 4.44 -6.03
N ASN B 227 30.37 3.55 -5.71
CA ASN B 227 30.22 2.77 -4.46
C ASN B 227 31.61 2.35 -3.98
N GLU B 228 32.24 3.17 -3.13
CA GLU B 228 33.56 2.82 -2.58
C GLU B 228 33.56 2.83 -1.06
N LYS B 229 32.42 3.14 -0.43
CA LYS B 229 32.38 3.25 1.02
C LYS B 229 31.23 2.55 1.73
N TYR B 230 30.00 2.68 1.26
CA TYR B 230 28.85 2.23 2.00
C TYR B 230 28.34 0.88 1.51
N CYS B 231 27.64 0.21 2.40
CA CYS B 231 26.93 -1.00 2.03
C CYS B 231 25.59 -0.59 1.42
N ILE B 232 25.55 -0.59 0.10
CA ILE B 232 24.41 -0.13 -0.67
C ILE B 232 23.71 -1.34 -1.23
N PHE B 233 22.41 -1.43 -0.96
N PHE B 233 22.40 -1.42 -0.99
CA PHE B 233 21.61 -2.53 -1.44
CA PHE B 233 21.57 -2.52 -1.42
C PHE B 233 21.55 -2.50 -2.96
C PHE B 233 21.33 -2.47 -2.93
N ALA B 234 21.34 -3.65 -3.56
CA ALA B 234 21.00 -3.74 -4.98
C ALA B 234 19.86 -4.73 -5.13
N ASN B 235 19.20 -4.66 -6.28
CA ASN B 235 17.98 -5.42 -6.48
C ASN B 235 17.86 -5.92 -7.92
N PHE B 236 17.12 -7.02 -8.09
CA PHE B 236 16.61 -7.49 -9.39
C PHE B 236 15.17 -6.99 -9.51
N SER B 237 14.87 -6.31 -10.60
CA SER B 237 13.50 -5.81 -10.82
C SER B 237 12.80 -6.76 -11.78
N VAL B 238 11.71 -7.40 -11.29
CA VAL B 238 11.07 -8.54 -11.96
C VAL B 238 9.69 -8.21 -12.51
N THR B 239 9.19 -6.98 -12.31
CA THR B 239 7.78 -6.73 -12.62
C THR B 239 7.52 -6.25 -14.04
N GLY B 240 8.51 -5.64 -14.69
CA GLY B 240 8.43 -5.11 -16.04
C GLY B 240 9.63 -5.61 -16.81
N GLY B 241 10.46 -4.71 -17.32
CA GLY B 241 11.68 -5.18 -17.93
C GLY B 241 12.61 -5.76 -16.89
N LYS B 242 13.60 -6.52 -17.35
CA LYS B 242 14.52 -7.16 -16.42
C LYS B 242 15.65 -6.20 -16.12
N TRP B 243 15.60 -5.60 -14.94
CA TRP B 243 16.58 -4.57 -14.58
C TRP B 243 17.35 -4.96 -13.32
N ILE B 244 18.55 -4.40 -13.21
CA ILE B 244 19.28 -4.29 -11.93
C ILE B 244 19.12 -2.88 -11.42
N VAL B 245 18.84 -2.73 -10.12
CA VAL B 245 18.64 -1.41 -9.50
C VAL B 245 19.61 -1.26 -8.33
N SER B 246 20.24 -0.11 -8.21
CA SER B 246 21.08 0.12 -7.05
C SER B 246 21.11 1.59 -6.68
N GLY B 247 21.35 1.88 -5.40
CA GLY B 247 21.72 3.23 -5.02
C GLY B 247 23.20 3.53 -5.38
N SER B 248 23.64 4.73 -4.99
CA SER B 248 24.95 5.22 -5.42
C SER B 248 25.36 6.36 -4.51
N GLU B 249 26.67 6.52 -4.37
CA GLU B 249 27.25 7.59 -3.57
C GLU B 249 27.28 8.94 -4.30
N ASP B 250 26.80 9.01 -5.53
CA ASP B 250 26.58 10.31 -6.19
C ASP B 250 25.12 10.74 -6.11
N ASN B 251 24.34 10.14 -5.21
CA ASN B 251 23.00 10.61 -4.82
C ASN B 251 21.96 10.16 -5.84
N LEU B 252 22.31 9.27 -6.77
CA LEU B 252 21.38 8.83 -7.80
C LEU B 252 20.98 7.39 -7.57
N VAL B 253 19.81 7.02 -8.10
CA VAL B 253 19.49 5.60 -8.29
C VAL B 253 19.89 5.20 -9.71
N TYR B 254 20.64 4.09 -9.86
CA TYR B 254 21.02 3.58 -11.18
C TYR B 254 20.16 2.38 -11.53
N ILE B 255 19.81 2.27 -12.81
CA ILE B 255 19.05 1.13 -13.33
C ILE B 255 19.75 0.66 -14.58
N TRP B 256 20.08 -0.64 -14.61
CA TRP B 256 20.78 -1.27 -15.73
C TRP B 256 19.93 -2.34 -16.39
N ASN B 257 20.15 -2.55 -17.69
CA ASN B 257 19.62 -3.72 -18.40
C ASN B 257 20.38 -4.98 -17.94
N LEU B 258 19.63 -5.97 -17.45
CA LEU B 258 20.24 -7.22 -16.97
C LEU B 258 21.21 -7.83 -17.99
N GLN B 259 20.78 -7.94 -19.25
CA GLN B 259 21.54 -8.66 -20.27
C GLN B 259 22.63 -7.80 -20.89
N THR B 260 22.32 -6.55 -21.27
CA THR B 260 23.31 -5.75 -22.00
C THR B 260 24.27 -5.01 -21.08
N LYS B 261 23.92 -4.89 -19.78
CA LYS B 261 24.64 -4.14 -18.75
C LYS B 261 24.62 -2.63 -18.99
N GLU B 262 23.85 -2.14 -19.97
CA GLU B 262 23.77 -0.70 -20.20
C GLU B 262 23.01 -0.04 -19.05
N ILE B 263 23.48 1.13 -18.61
CA ILE B 263 22.65 2.00 -17.77
C ILE B 263 21.45 2.50 -18.59
N VAL B 264 20.25 2.18 -18.12
CA VAL B 264 19.04 2.58 -18.81
C VAL B 264 18.32 3.75 -18.12
N GLN B 265 18.59 4.02 -16.86
CA GLN B 265 18.05 5.23 -16.27
C GLN B 265 18.83 5.57 -15.01
N LYS B 266 18.87 6.88 -14.69
CA LYS B 266 19.42 7.40 -13.43
C LYS B 266 18.36 8.31 -12.83
N LEU B 267 17.97 8.03 -11.60
CA LEU B 267 16.90 8.78 -10.92
C LEU B 267 17.52 9.85 -10.02
N GLN B 268 17.18 11.11 -10.31
CA GLN B 268 17.76 12.27 -9.66
C GLN B 268 16.73 12.86 -8.72
N GLY B 269 17.18 13.24 -7.53
CA GLY B 269 16.29 13.86 -6.57
C GLY B 269 16.84 13.86 -5.17
N HIS B 270 17.50 12.77 -4.77
CA HIS B 270 18.04 12.73 -3.43
C HIS B 270 19.21 13.70 -3.31
N THR B 271 19.47 14.12 -2.05
CA THR B 271 20.52 15.08 -1.76
C THR B 271 21.62 14.46 -0.89
N ASP B 272 21.67 13.13 -0.85
CA ASP B 272 22.77 12.43 -0.18
C ASP B 272 22.83 11.03 -0.77
N VAL B 273 23.85 10.27 -0.33
CA VAL B 273 24.06 8.89 -0.76
C VAL B 273 22.76 8.11 -0.68
N VAL B 274 22.45 7.38 -1.76
CA VAL B 274 21.26 6.52 -1.79
C VAL B 274 21.73 5.16 -1.30
N ILE B 275 21.49 4.90 -0.01
CA ILE B 275 22.04 3.75 0.67
C ILE B 275 21.18 2.52 0.41
N SER B 276 19.89 2.69 0.07
CA SER B 276 19.04 1.51 -0.04
C SER B 276 18.03 1.76 -1.13
N THR B 277 17.70 0.69 -1.82
CA THR B 277 16.63 0.70 -2.82
C THR B 277 15.87 -0.60 -2.62
N ALA B 278 14.61 -0.58 -3.01
CA ALA B 278 13.77 -1.76 -2.99
C ALA B 278 12.83 -1.71 -4.18
N CYS B 279 12.51 -2.89 -4.73
CA CYS B 279 11.61 -3.03 -5.86
C CYS B 279 10.30 -3.68 -5.42
N HIS B 280 9.19 -3.07 -5.78
CA HIS B 280 7.90 -3.54 -5.36
C HIS B 280 7.61 -4.93 -5.98
N PRO B 281 6.92 -5.81 -5.26
CA PRO B 281 6.78 -7.21 -5.76
C PRO B 281 5.90 -7.35 -6.98
N THR B 282 4.97 -6.41 -7.26
CA THR B 282 4.06 -6.63 -8.39
C THR B 282 3.97 -5.44 -9.32
N GLU B 283 4.21 -4.22 -8.83
CA GLU B 283 4.15 -3.01 -9.65
C GLU B 283 5.56 -2.54 -9.95
N ASN B 284 5.69 -1.74 -11.02
CA ASN B 284 6.99 -1.12 -11.36
C ASN B 284 7.19 0.13 -10.49
N ILE B 285 7.53 -0.12 -9.22
CA ILE B 285 7.69 0.92 -8.21
C ILE B 285 9.01 0.66 -7.51
N ILE B 286 9.82 1.71 -7.39
CA ILE B 286 11.07 1.64 -6.64
C ILE B 286 10.95 2.53 -5.42
N ALA B 287 11.46 2.06 -4.28
CA ALA B 287 11.66 2.93 -3.11
C ALA B 287 13.14 3.15 -2.98
N SER B 288 13.56 4.39 -2.71
CA SER B 288 14.97 4.69 -2.47
C SER B 288 15.10 5.47 -1.16
N ALA B 289 16.23 5.33 -0.47
CA ALA B 289 16.41 6.06 0.79
C ALA B 289 17.85 6.54 0.90
N ALA B 290 18.01 7.65 1.61
CA ALA B 290 19.27 8.36 1.62
C ALA B 290 19.78 8.68 3.03
N LEU B 291 21.08 9.03 3.07
CA LEU B 291 21.79 9.34 4.30
C LEU B 291 21.41 10.72 4.81
N GLU B 292 22.11 11.20 5.84
CA GLU B 292 21.50 12.19 6.74
C GLU B 292 21.45 13.63 6.21
N ASN B 293 22.07 13.98 5.07
CA ASN B 293 21.73 15.30 4.52
C ASN B 293 20.33 15.32 3.90
N ASP B 294 19.72 14.15 3.76
CA ASP B 294 18.48 13.98 3.05
C ASP B 294 17.44 13.37 3.99
N LYS B 295 17.67 12.12 4.45
CA LYS B 295 16.84 11.46 5.47
C LYS B 295 15.45 11.11 4.94
N THR B 296 15.21 11.16 3.63
CA THR B 296 13.92 10.80 3.09
C THR B 296 13.98 9.51 2.29
N ILE B 297 12.79 8.96 2.12
CA ILE B 297 12.49 7.86 1.21
C ILE B 297 11.75 8.45 0.00
N LYS B 298 12.11 8.04 -1.19
CA LYS B 298 11.34 8.43 -2.38
C LYS B 298 10.72 7.22 -3.04
N LEU B 299 9.50 7.39 -3.53
CA LEU B 299 8.79 6.35 -4.28
C LEU B 299 8.72 6.81 -5.72
N TRP B 300 9.03 5.90 -6.65
CA TRP B 300 9.12 6.20 -8.08
C TRP B 300 8.32 5.15 -8.84
N LYS B 301 7.67 5.57 -9.93
CA LYS B 301 6.80 4.69 -10.70
C LYS B 301 7.13 4.73 -12.17
N SER B 302 7.10 3.56 -12.82
CA SER B 302 7.44 3.42 -14.24
C SER B 302 6.36 2.63 -14.97
N ASP B 303 6.31 2.82 -16.30
CA ASP B 303 5.42 2.01 -17.13
C ASP B 303 5.99 0.62 -17.48
N CYS B 304 7.30 0.41 -17.34
CA CYS B 304 7.94 -0.89 -17.58
C CYS B 304 9.18 -1.06 -16.72
#